data_4HUE
#
_entry.id   4HUE
#
_cell.length_a   64.360
_cell.length_b   64.808
_cell.length_c   116.622
_cell.angle_alpha   90.00
_cell.angle_beta   90.00
_cell.angle_gamma   90.00
#
_symmetry.space_group_name_H-M   'P 21 21 21'
#
loop_
_entity.id
_entity.type
_entity.pdbx_description
1 polymer 'Ribonuclease H'
2 polymer "DNA (5'-D(*CP*GP*CP*GP*AP*AP*TP*TP*(UCL)P*GP*CP*G)-3')"
3 non-polymer GLYCEROL
4 non-polymer 'MAGNESIUM ION'
5 water water
#
loop_
_entity_poly.entity_id
_entity_poly.type
_entity_poly.pdbx_seq_one_letter_code
_entity_poly.pdbx_strand_id
1 'polypeptide(L)'
;EEIIWESLSVDVGSQGNPGIVEYKGVDTKTGEVLFEREPIPIGTNNMGEFLAIVHGLRYLKERNSRKPIYSNSQTAIKWV
KDKKAKSTLVRNEETALIWKLVDEAEEWLNTHTYETPILKWQTDKWGEIKADYG
;
A,B
2 'polydeoxyribonucleotide' (DC)(DG)(DC)(DG)(DA)(DA)(DT)(DT)(UCL)(DG)(DC)(DG) C,D,E,F
#
loop_
_chem_comp.id
_chem_comp.type
_chem_comp.name
_chem_comp.formula
DA DNA linking 2'-DEOXYADENOSINE-5'-MONOPHOSPHATE 'C10 H14 N5 O6 P'
DC DNA linking 2'-DEOXYCYTIDINE-5'-MONOPHOSPHATE 'C9 H14 N3 O7 P'
DG DNA linking 2'-DEOXYGUANOSINE-5'-MONOPHOSPHATE 'C10 H14 N5 O7 P'
DT DNA linking THYMIDINE-5'-MONOPHOSPHATE 'C10 H15 N2 O8 P'
GOL non-polymer GLYCEROL 'C3 H8 O3'
MG non-polymer 'MAGNESIUM ION' 'Mg 2'
UCL DNA linking '5-CHLORO-2'-DEOXYURIDINE 5'-(DIHYDROGEN PHOSPHATE)' 'C9 H12 Cl N2 O8 P'
#
# COMPACT_ATOMS: atom_id res chain seq x y z
N GLU A 1 -19.21 22.24 10.54
CA GLU A 1 -18.25 22.63 9.50
C GLU A 1 -18.67 22.09 8.13
N GLU A 2 -18.59 22.95 7.12
CA GLU A 2 -18.94 22.54 5.77
C GLU A 2 -17.72 22.50 4.84
N ILE A 3 -17.88 21.80 3.72
CA ILE A 3 -16.83 21.69 2.73
C ILE A 3 -16.57 23.03 2.06
N ILE A 4 -15.29 23.36 1.91
CA ILE A 4 -14.88 24.50 1.11
C ILE A 4 -14.48 23.95 -0.25
N TRP A 5 -15.36 24.12 -1.24
CA TRP A 5 -15.13 23.54 -2.56
C TRP A 5 -13.98 24.18 -3.31
N GLU A 6 -13.77 25.48 -3.10
CA GLU A 6 -12.64 26.17 -3.70
C GLU A 6 -11.39 25.87 -2.88
N SER A 7 -10.82 24.69 -3.10
CA SER A 7 -9.72 24.24 -2.28
C SER A 7 -8.92 23.22 -3.07
N LEU A 8 -7.84 22.76 -2.46
CA LEU A 8 -7.00 21.72 -3.05
C LEU A 8 -7.06 20.51 -2.12
N SER A 9 -7.17 19.31 -2.68
CA SER A 9 -7.14 18.10 -1.88
C SER A 9 -5.93 17.26 -2.28
N VAL A 10 -5.28 16.65 -1.29
CA VAL A 10 -4.14 15.77 -1.55
C VAL A 10 -4.36 14.37 -0.97
N ASP A 11 -3.69 13.37 -1.55
CA ASP A 11 -3.73 12.02 -1.03
C ASP A 11 -2.58 11.24 -1.62
N VAL A 12 -2.31 10.10 -1.01
CA VAL A 12 -1.19 9.24 -1.36
C VAL A 12 -1.72 7.94 -1.93
N GLY A 13 -1.00 7.42 -2.91
CA GLY A 13 -1.25 6.07 -3.38
C GLY A 13 -0.09 5.20 -2.94
N SER A 14 -0.37 4.19 -2.12
CA SER A 14 0.67 3.30 -1.61
C SER A 14 0.58 1.95 -2.29
N GLN A 15 1.72 1.27 -2.35
CA GLN A 15 1.75 -0.15 -2.64
C GLN A 15 2.51 -0.75 -1.49
N GLY A 16 1.78 -0.99 -0.41
CA GLY A 16 2.36 -1.44 0.84
C GLY A 16 2.70 -0.28 1.77
N ASN A 17 2.75 -0.57 3.06
CA ASN A 17 3.16 0.39 4.07
C ASN A 17 4.09 -0.28 5.07
N PRO A 18 5.41 -0.04 4.98
CA PRO A 18 6.10 0.77 3.97
C PRO A 18 6.04 0.12 2.61
N GLY A 19 6.21 0.93 1.59
CA GLY A 19 6.17 0.47 0.21
C GLY A 19 6.33 1.62 -0.75
N ILE A 20 5.99 1.40 -2.02
CA ILE A 20 6.07 2.47 -3.00
C ILE A 20 5.05 3.54 -2.63
N VAL A 21 5.44 4.79 -2.75
CA VAL A 21 4.60 5.93 -2.42
C VAL A 21 4.51 6.88 -3.60
N GLU A 22 3.30 7.26 -3.99
CA GLU A 22 3.12 8.41 -4.87
C GLU A 22 2.05 9.29 -4.27
N TYR A 23 1.94 10.52 -4.76
CA TYR A 23 0.88 11.39 -4.28
C TYR A 23 0.46 12.38 -5.35
N LYS A 24 -0.69 13.00 -5.12
CA LYS A 24 -1.10 14.07 -6.02
C LYS A 24 -1.99 15.06 -5.29
N GLY A 25 -2.14 16.22 -5.92
CA GLY A 25 -3.03 17.25 -5.43
C GLY A 25 -4.00 17.62 -6.54
N VAL A 26 -5.28 17.72 -6.19
CA VAL A 26 -6.31 17.98 -7.19
C VAL A 26 -7.24 19.09 -6.74
N ASP A 27 -7.88 19.74 -7.70
CA ASP A 27 -8.92 20.72 -7.41
C ASP A 27 -10.09 19.97 -6.79
N THR A 28 -10.50 20.39 -5.60
CA THR A 28 -11.51 19.69 -4.83
C THR A 28 -12.84 19.64 -5.56
N LYS A 29 -13.12 20.69 -6.31
CA LYS A 29 -14.40 20.78 -7.03
C LYS A 29 -14.35 20.01 -8.35
N THR A 30 -13.33 20.28 -9.15
CA THR A 30 -13.30 19.79 -10.52
C THR A 30 -12.54 18.48 -10.70
N GLY A 31 -11.61 18.19 -9.79
CA GLY A 31 -10.82 16.99 -9.91
C GLY A 31 -9.59 17.18 -10.79
N GLU A 32 -9.38 18.39 -11.29
CA GLU A 32 -8.22 18.68 -12.11
C GLU A 32 -6.95 18.35 -11.32
N VAL A 33 -6.07 17.55 -11.90
CA VAL A 33 -4.79 17.24 -11.25
C VAL A 33 -3.85 18.42 -11.38
N LEU A 34 -3.46 18.99 -10.24
CA LEU A 34 -2.65 20.21 -10.23
C LEU A 34 -1.15 19.89 -10.11
N PHE A 35 -0.84 18.85 -9.34
CA PHE A 35 0.55 18.37 -9.28
C PHE A 35 0.56 16.89 -8.92
N GLU A 36 1.62 16.21 -9.32
CA GLU A 36 1.79 14.79 -9.05
C GLU A 36 3.25 14.49 -8.73
N ARG A 37 3.49 13.51 -7.87
CA ARG A 37 4.84 13.01 -7.63
C ARG A 37 4.90 11.58 -8.12
N GLU A 38 5.84 11.30 -9.02
CA GLU A 38 6.08 9.93 -9.49
C GLU A 38 6.44 9.01 -8.34
N PRO A 39 6.19 7.70 -8.50
CA PRO A 39 6.46 6.72 -7.45
C PRO A 39 7.87 6.77 -6.84
N ILE A 40 7.91 6.87 -5.51
CA ILE A 40 9.14 6.83 -4.74
C ILE A 40 9.26 5.39 -4.28
N PRO A 41 10.42 4.76 -4.53
CA PRO A 41 10.47 3.29 -4.39
C PRO A 41 10.15 2.73 -2.99
N ILE A 42 10.50 3.43 -1.92
CA ILE A 42 10.07 3.02 -0.58
C ILE A 42 9.83 4.21 0.33
N GLY A 43 8.72 4.16 1.07
CA GLY A 43 8.45 5.16 2.09
C GLY A 43 7.21 4.72 2.84
N THR A 44 6.82 5.46 3.88
CA THR A 44 5.60 5.15 4.58
C THR A 44 4.47 6.01 4.06
N ASN A 45 3.23 5.54 4.27
CA ASN A 45 2.09 6.32 3.86
C ASN A 45 2.09 7.70 4.53
N ASN A 46 2.45 7.75 5.82
CA ASN A 46 2.53 9.03 6.54
C ASN A 46 3.54 9.99 5.93
N MET A 47 4.71 9.48 5.57
CA MET A 47 5.72 10.33 4.92
C MET A 47 5.18 10.90 3.62
N GLY A 48 4.50 10.06 2.84
CA GLY A 48 3.88 10.53 1.61
C GLY A 48 2.85 11.61 1.86
N GLU A 49 2.02 11.44 2.89
CA GLU A 49 0.98 12.44 3.15
C GLU A 49 1.60 13.76 3.56
N PHE A 50 2.71 13.69 4.28
CA PHE A 50 3.44 14.89 4.71
C PHE A 50 4.02 15.61 3.48
N LEU A 51 4.69 14.87 2.60
CA LEU A 51 5.24 15.45 1.38
C LEU A 51 4.15 16.07 0.53
N ALA A 52 2.99 15.40 0.49
CA ALA A 52 1.89 15.90 -0.32
C ALA A 52 1.38 17.25 0.14
N ILE A 53 1.23 17.42 1.45
CA ILE A 53 0.80 18.70 1.99
C ILE A 53 1.83 19.78 1.71
N VAL A 54 3.11 19.47 1.95
CA VAL A 54 4.14 20.49 1.75
C VAL A 54 4.24 20.88 0.27
N HIS A 55 4.12 19.89 -0.61
CA HIS A 55 4.08 20.17 -2.04
C HIS A 55 2.92 21.13 -2.35
N GLY A 56 1.75 20.86 -1.79
CA GLY A 56 0.61 21.75 -1.94
C GLY A 56 0.90 23.17 -1.45
N LEU A 57 1.58 23.27 -0.31
CA LEU A 57 1.88 24.59 0.22
C LEU A 57 2.80 25.36 -0.74
N ARG A 58 3.80 24.67 -1.28
CA ARG A 58 4.74 25.30 -2.19
CA ARG A 58 4.73 25.32 -2.19
C ARG A 58 4.05 25.71 -3.49
N TYR A 59 3.21 24.82 -4.02
CA TYR A 59 2.41 25.09 -5.22
C TYR A 59 1.52 26.32 -5.03
N LEU A 60 0.78 26.38 -3.93
CA LEU A 60 -0.16 27.47 -3.70
C LEU A 60 0.59 28.78 -3.44
N LYS A 61 1.71 28.71 -2.73
CA LYS A 61 2.50 29.92 -2.48
C LYS A 61 3.04 30.49 -3.79
N GLU A 62 3.49 29.63 -4.69
CA GLU A 62 4.07 30.08 -5.98
CA GLU A 62 4.06 30.11 -5.95
C GLU A 62 3.02 30.83 -6.80
N ARG A 63 1.78 30.38 -6.73
CA ARG A 63 0.69 30.97 -7.50
C ARG A 63 -0.06 32.05 -6.75
N ASN A 64 0.41 32.36 -5.54
CA ASN A 64 -0.22 33.35 -4.67
C ASN A 64 -1.69 33.07 -4.42
N SER A 65 -2.02 31.79 -4.27
CA SER A 65 -3.40 31.37 -4.03
C SER A 65 -3.72 31.32 -2.55
N ARG A 66 -4.94 31.72 -2.18
CA ARG A 66 -5.35 31.66 -0.78
C ARG A 66 -6.23 30.44 -0.46
N LYS A 67 -6.38 29.53 -1.43
CA LYS A 67 -7.17 28.30 -1.25
C LYS A 67 -6.62 27.43 -0.14
N PRO A 68 -7.49 26.80 0.66
CA PRO A 68 -7.03 25.86 1.68
C PRO A 68 -6.65 24.52 1.08
N ILE A 69 -5.94 23.72 1.87
CA ILE A 69 -5.58 22.35 1.48
C ILE A 69 -6.33 21.38 2.38
N TYR A 70 -6.94 20.36 1.78
CA TYR A 70 -7.53 19.27 2.54
C TYR A 70 -6.64 18.04 2.51
N SER A 71 -6.43 17.42 3.67
CA SER A 71 -5.73 16.15 3.79
C SER A 71 -6.55 15.24 4.67
N ASN A 72 -6.55 13.94 4.39
CA ASN A 72 -7.25 13.02 5.28
CA ASN A 72 -7.24 12.99 5.25
C ASN A 72 -6.33 12.43 6.34
N SER A 73 -5.13 12.98 6.45
CA SER A 73 -4.16 12.43 7.39
C SER A 73 -3.92 13.35 8.57
N GLN A 74 -4.54 13.03 9.70
CA GLN A 74 -4.33 13.82 10.91
C GLN A 74 -2.86 13.83 11.31
N THR A 75 -2.16 12.72 11.09
CA THR A 75 -0.74 12.63 11.43
C THR A 75 0.08 13.60 10.60
N ALA A 76 -0.16 13.60 9.29
CA ALA A 76 0.61 14.49 8.42
C ALA A 76 0.31 15.96 8.70
N ILE A 77 -0.95 16.27 9.01
CA ILE A 77 -1.32 17.63 9.35
C ILE A 77 -0.55 18.06 10.59
N LYS A 78 -0.46 17.17 11.58
CA LYS A 78 0.28 17.49 12.79
C LYS A 78 1.77 17.71 12.49
N TRP A 79 2.34 16.83 11.68
CA TRP A 79 3.75 16.97 11.33
C TRP A 79 4.02 18.30 10.62
N VAL A 80 3.15 18.69 9.70
CA VAL A 80 3.34 19.97 9.01
C VAL A 80 3.24 21.13 9.98
N LYS A 81 2.25 21.09 10.86
CA LYS A 81 2.06 22.22 11.79
C LYS A 81 3.20 22.26 12.80
N ASP A 82 3.73 21.11 13.18
CA ASP A 82 4.90 21.06 14.06
C ASP A 82 6.20 21.38 13.32
N LYS A 83 6.14 21.45 11.99
CA LYS A 83 7.35 21.56 11.17
C LYS A 83 8.37 20.44 11.47
N LYS A 84 7.87 19.23 11.72
CA LYS A 84 8.73 18.12 12.09
C LYS A 84 8.03 16.79 11.77
N ALA A 85 8.61 16.01 10.86
CA ALA A 85 8.04 14.71 10.48
C ALA A 85 8.56 13.60 11.38
N LYS A 86 7.72 13.16 12.31
CA LYS A 86 8.14 12.19 13.33
C LYS A 86 8.00 10.76 12.82
N SER A 87 8.68 10.48 11.71
CA SER A 87 8.70 9.14 11.12
C SER A 87 9.74 8.25 11.78
N THR A 88 9.41 6.97 11.90
CA THR A 88 10.29 5.97 12.48
C THR A 88 10.99 5.14 11.42
N LEU A 89 10.78 5.47 10.16
CA LEU A 89 11.36 4.68 9.07
C LEU A 89 12.88 4.71 9.15
N VAL A 90 13.49 3.52 9.09
CA VAL A 90 14.95 3.42 9.13
C VAL A 90 15.60 4.25 8.01
N ARG A 91 16.72 4.88 8.31
CA ARG A 91 17.49 5.58 7.30
C ARG A 91 18.59 4.66 6.77
N ASN A 92 18.40 4.16 5.56
CA ASN A 92 19.45 3.40 4.86
C ASN A 92 19.49 3.79 3.40
N GLU A 93 20.28 3.07 2.59
CA GLU A 93 20.39 3.41 1.18
C GLU A 93 19.03 3.26 0.48
N GLU A 94 18.29 2.23 0.89
CA GLU A 94 16.99 1.93 0.33
C GLU A 94 16.02 3.09 0.52
N THR A 95 16.04 3.69 1.71
CA THR A 95 15.09 4.75 2.05
C THR A 95 15.68 6.13 1.88
N ALA A 96 16.84 6.22 1.24
CA ALA A 96 17.50 7.51 1.12
C ALA A 96 16.67 8.57 0.39
N LEU A 97 15.94 8.17 -0.65
CA LEU A 97 15.18 9.15 -1.43
C LEU A 97 14.02 9.74 -0.63
N ILE A 98 13.20 8.89 -0.01
CA ILE A 98 12.09 9.42 0.76
C ILE A 98 12.59 10.32 1.90
N TRP A 99 13.68 9.95 2.55
CA TRP A 99 14.20 10.76 3.63
C TRP A 99 14.78 12.08 3.13
N LYS A 100 15.39 12.04 1.94
CA LYS A 100 15.86 13.27 1.30
C LYS A 100 14.70 14.23 1.06
N LEU A 101 13.59 13.69 0.55
CA LEU A 101 12.44 14.54 0.28
C LEU A 101 11.82 15.08 1.58
N VAL A 102 11.72 14.22 2.59
CA VAL A 102 11.17 14.64 3.86
C VAL A 102 12.04 15.71 4.52
N ASP A 103 13.35 15.49 4.51
CA ASP A 103 14.27 16.46 5.08
C ASP A 103 14.15 17.80 4.38
N GLU A 104 14.02 17.77 3.05
CA GLU A 104 13.88 19.01 2.28
C GLU A 104 12.56 19.71 2.54
N ALA A 105 11.49 18.92 2.73
CA ALA A 105 10.19 19.50 3.02
C ALA A 105 10.21 20.17 4.40
N GLU A 106 10.83 19.51 5.37
CA GLU A 106 11.05 20.13 6.68
C GLU A 106 11.85 21.42 6.57
N GLU A 107 12.92 21.39 5.78
CA GLU A 107 13.72 22.61 5.64
C GLU A 107 12.89 23.74 5.06
N TRP A 108 12.04 23.42 4.08
CA TRP A 108 11.17 24.42 3.48
C TRP A 108 10.25 25.03 4.55
N LEU A 109 9.62 24.19 5.36
CA LEU A 109 8.70 24.65 6.40
C LEU A 109 9.43 25.54 7.39
N ASN A 110 10.67 25.19 7.71
CA ASN A 110 11.37 25.95 8.75
C ASN A 110 11.97 27.25 8.24
N THR A 111 11.89 27.48 6.93
CA THR A 111 12.45 28.69 6.31
C THR A 111 11.41 29.52 5.53
N HIS A 112 10.15 29.15 5.62
CA HIS A 112 9.09 29.90 4.94
C HIS A 112 7.87 30.09 5.84
N THR A 113 7.10 31.13 5.52
CA THR A 113 5.77 31.29 6.09
C THR A 113 4.76 31.01 4.98
N TYR A 114 3.52 30.77 5.37
CA TYR A 114 2.47 30.53 4.39
C TYR A 114 1.11 30.90 4.98
N GLU A 115 0.14 31.19 4.11
CA GLU A 115 -1.18 31.61 4.56
C GLU A 115 -2.24 30.52 4.41
N THR A 116 -1.87 29.44 3.74
CA THR A 116 -2.80 28.37 3.41
C THR A 116 -3.36 27.66 4.64
N PRO A 117 -4.70 27.66 4.79
CA PRO A 117 -5.24 26.85 5.88
C PRO A 117 -5.10 25.37 5.54
N ILE A 118 -4.72 24.55 6.51
CA ILE A 118 -4.59 23.11 6.29
C ILE A 118 -5.69 22.44 7.09
N LEU A 119 -6.61 21.79 6.39
CA LEU A 119 -7.85 21.33 6.98
C LEU A 119 -7.96 19.82 6.89
N LYS A 120 -8.59 19.22 7.90
CA LYS A 120 -8.83 17.78 7.88
C LYS A 120 -10.04 17.46 7.02
N TRP A 121 -9.85 16.59 6.03
CA TRP A 121 -10.97 16.08 5.25
C TRP A 121 -11.70 15.07 6.10
N GLN A 122 -13.02 15.24 6.19
CA GLN A 122 -13.86 14.39 7.04
CA GLN A 122 -13.86 14.40 7.04
C GLN A 122 -14.52 13.31 6.21
N THR A 123 -13.79 12.20 6.03
CA THR A 123 -14.22 11.12 5.17
C THR A 123 -15.55 10.54 5.65
N ASP A 124 -15.70 10.41 6.97
CA ASP A 124 -16.94 9.85 7.53
CA ASP A 124 -16.93 9.85 7.54
C ASP A 124 -18.15 10.72 7.24
N LYS A 125 -17.94 12.02 7.03
CA LYS A 125 -19.04 12.92 6.72
C LYS A 125 -19.23 13.15 5.21
N TRP A 126 -18.12 13.22 4.48
CA TRP A 126 -18.12 13.77 3.12
C TRP A 126 -17.75 12.77 2.03
N GLY A 127 -17.46 11.53 2.42
CA GLY A 127 -17.06 10.52 1.46
C GLY A 127 -15.61 10.67 1.05
N GLU A 128 -15.25 10.07 -0.08
CA GLU A 128 -13.85 10.01 -0.53
C GLU A 128 -13.22 11.38 -0.78
N ILE A 129 -11.97 11.55 -0.35
CA ILE A 129 -11.26 12.76 -0.71
C ILE A 129 -11.05 12.73 -2.22
N LYS A 130 -11.06 13.90 -2.88
CA LYS A 130 -11.09 13.98 -4.34
C LYS A 130 -9.79 13.45 -4.98
N ALA A 131 -8.73 13.41 -4.19
CA ALA A 131 -7.42 12.98 -4.68
C ALA A 131 -7.20 11.48 -4.47
N ASP A 132 -8.21 10.78 -3.98
CA ASP A 132 -8.09 9.35 -3.70
C ASP A 132 -7.70 8.53 -4.93
N TYR A 133 -6.76 7.60 -4.75
CA TYR A 133 -6.28 6.79 -5.85
C TYR A 133 -7.19 5.61 -6.12
N GLY A 134 -8.07 5.32 -5.17
CA GLY A 134 -8.84 4.10 -5.24
C GLY A 134 -7.94 2.92 -4.90
N GLU B 1 7.70 -10.30 18.63
CA GLU B 1 6.69 -10.21 17.58
C GLU B 1 5.32 -10.62 18.12
N GLU B 2 4.31 -9.81 17.84
CA GLU B 2 2.96 -10.09 18.31
C GLU B 2 2.00 -10.49 17.18
N ILE B 3 1.20 -11.52 17.43
CA ILE B 3 0.24 -12.01 16.44
C ILE B 3 -0.99 -11.10 16.35
N ILE B 4 -1.39 -10.78 15.13
CA ILE B 4 -2.58 -9.98 14.89
C ILE B 4 -3.71 -10.93 14.51
N TRP B 5 -4.64 -11.15 15.43
CA TRP B 5 -5.70 -12.13 15.20
C TRP B 5 -6.70 -11.69 14.14
N GLU B 6 -6.93 -10.38 14.05
CA GLU B 6 -7.82 -9.83 13.03
C GLU B 6 -7.05 -9.72 11.72
N SER B 7 -6.87 -10.86 11.06
CA SER B 7 -6.04 -10.93 9.87
C SER B 7 -6.47 -12.07 8.96
N LEU B 8 -5.84 -12.13 7.79
CA LEU B 8 -6.06 -13.21 6.82
C LEU B 8 -4.77 -14.02 6.67
N SER B 9 -4.87 -15.34 6.75
CA SER B 9 -3.70 -16.19 6.56
C SER B 9 -3.83 -16.96 5.25
N VAL B 10 -2.73 -17.07 4.51
CA VAL B 10 -2.73 -17.86 3.28
C VAL B 10 -1.76 -19.01 3.36
N ASP B 11 -2.10 -20.11 2.70
CA ASP B 11 -1.08 -21.13 2.54
C ASP B 11 -1.35 -21.97 1.33
N VAL B 12 -0.34 -22.72 0.97
CA VAL B 12 -0.32 -23.42 -0.28
C VAL B 12 -0.16 -24.88 0.05
N GLY B 13 -0.86 -25.73 -0.70
CA GLY B 13 -0.62 -27.16 -0.64
C GLY B 13 0.07 -27.57 -1.94
N SER B 14 1.23 -28.21 -1.82
CA SER B 14 1.95 -28.69 -2.99
C SER B 14 2.05 -30.21 -2.97
N GLN B 15 1.78 -30.83 -4.11
CA GLN B 15 2.08 -32.24 -4.29
C GLN B 15 3.23 -32.32 -5.28
N GLY B 16 4.44 -32.24 -4.78
CA GLY B 16 5.61 -32.18 -5.63
C GLY B 16 5.95 -30.73 -5.94
N ASN B 17 7.23 -30.47 -6.15
CA ASN B 17 7.70 -29.12 -6.48
C ASN B 17 8.79 -29.20 -7.54
N PRO B 18 8.44 -28.96 -8.81
CA PRO B 18 7.13 -28.55 -9.32
C PRO B 18 6.11 -29.67 -9.29
N GLY B 19 4.85 -29.31 -9.11
CA GLY B 19 3.78 -30.28 -9.10
C GLY B 19 2.45 -29.60 -8.91
N ILE B 20 1.45 -30.36 -8.47
CA ILE B 20 0.12 -29.81 -8.22
C ILE B 20 0.19 -28.76 -7.11
N VAL B 21 -0.36 -27.58 -7.38
CA VAL B 21 -0.36 -26.53 -6.39
C VAL B 21 -1.77 -25.96 -6.19
N GLU B 22 -2.14 -25.76 -4.93
CA GLU B 22 -3.41 -25.13 -4.61
C GLU B 22 -3.19 -24.22 -3.41
N TYR B 23 -4.10 -23.29 -3.19
CA TYR B 23 -3.96 -22.42 -2.03
C TYR B 23 -5.31 -22.00 -1.51
N LYS B 24 -5.32 -21.46 -0.30
CA LYS B 24 -6.52 -20.85 0.20
C LYS B 24 -6.18 -19.75 1.18
N GLY B 25 -7.17 -18.89 1.41
CA GLY B 25 -7.02 -17.85 2.42
C GLY B 25 -8.07 -18.07 3.49
N VAL B 26 -7.67 -17.99 4.75
CA VAL B 26 -8.57 -18.25 5.87
C VAL B 26 -8.50 -17.14 6.92
N ASP B 27 -9.57 -17.01 7.70
CA ASP B 27 -9.58 -16.08 8.80
C ASP B 27 -8.66 -16.62 9.90
N THR B 28 -7.67 -15.83 10.29
CA THR B 28 -6.66 -16.27 11.25
C THR B 28 -7.25 -16.71 12.58
N LYS B 29 -8.32 -16.03 13.00
CA LYS B 29 -8.95 -16.36 14.27
C LYS B 29 -9.87 -17.59 14.17
N THR B 30 -10.75 -17.58 13.18
CA THR B 30 -11.83 -18.57 13.09
C THR B 30 -11.51 -19.77 12.20
N GLY B 31 -10.46 -19.66 11.39
CA GLY B 31 -10.12 -20.74 10.47
C GLY B 31 -11.06 -20.84 9.28
N GLU B 32 -12.06 -19.97 9.24
CA GLU B 32 -13.03 -19.93 8.15
C GLU B 32 -12.34 -19.70 6.81
N VAL B 33 -12.68 -20.52 5.82
CA VAL B 33 -12.08 -20.39 4.50
C VAL B 33 -12.74 -19.24 3.73
N LEU B 34 -11.95 -18.21 3.43
CA LEU B 34 -12.46 -17.00 2.78
C LEU B 34 -12.34 -17.02 1.27
N PHE B 35 -11.29 -17.66 0.76
CA PHE B 35 -11.17 -17.94 -0.68
C PHE B 35 -10.32 -19.17 -0.87
N GLU B 36 -10.50 -19.82 -2.02
CA GLU B 36 -9.78 -21.06 -2.28
C GLU B 36 -9.53 -21.17 -3.78
N ARG B 37 -8.41 -21.78 -4.14
CA ARG B 37 -8.00 -21.94 -5.52
C ARG B 37 -7.96 -23.42 -5.83
N GLU B 38 -8.69 -23.85 -6.87
CA GLU B 38 -8.66 -25.25 -7.29
C GLU B 38 -7.25 -25.64 -7.77
N PRO B 39 -6.86 -26.90 -7.53
CA PRO B 39 -5.50 -27.34 -7.86
C PRO B 39 -5.05 -27.03 -9.28
N ILE B 40 -3.85 -26.49 -9.41
CA ILE B 40 -3.23 -26.24 -10.70
C ILE B 40 -2.26 -27.39 -10.94
N PRO B 41 -2.40 -28.10 -12.07
CA PRO B 41 -1.62 -29.33 -12.30
C PRO B 41 -0.11 -29.16 -12.14
N ILE B 42 0.45 -28.08 -12.65
CA ILE B 42 1.89 -27.87 -12.56
C ILE B 42 2.24 -26.44 -12.18
N GLY B 43 2.94 -26.29 -11.07
CA GLY B 43 3.44 -24.99 -10.65
C GLY B 43 4.47 -25.21 -9.57
N THR B 44 5.15 -24.15 -9.15
CA THR B 44 6.09 -24.28 -8.04
C THR B 44 5.43 -23.80 -6.76
N ASN B 45 6.01 -24.22 -5.64
CA ASN B 45 5.50 -23.82 -4.34
CA ASN B 45 5.51 -23.81 -4.33
C ASN B 45 5.53 -22.30 -4.18
N ASN B 46 6.64 -21.69 -4.58
CA ASN B 46 6.76 -20.24 -4.48
C ASN B 46 5.76 -19.51 -5.35
N MET B 47 5.51 -20.03 -6.55
CA MET B 47 4.53 -19.39 -7.43
C MET B 47 3.18 -19.44 -6.76
N GLY B 48 2.87 -20.58 -6.13
CA GLY B 48 1.61 -20.69 -5.42
C GLY B 48 1.51 -19.70 -4.26
N GLU B 49 2.60 -19.53 -3.51
CA GLU B 49 2.62 -18.61 -2.37
C GLU B 49 2.43 -17.17 -2.84
N PHE B 50 3.00 -16.85 -3.99
CA PHE B 50 2.86 -15.53 -4.60
C PHE B 50 1.41 -15.29 -5.03
N LEU B 51 0.82 -16.23 -5.76
CA LEU B 51 -0.58 -16.10 -6.17
C LEU B 51 -1.50 -15.93 -4.97
N ALA B 52 -1.23 -16.68 -3.90
CA ALA B 52 -2.07 -16.63 -2.73
C ALA B 52 -2.06 -15.23 -2.08
N ILE B 53 -0.88 -14.61 -1.99
CA ILE B 53 -0.81 -13.27 -1.39
C ILE B 53 -1.55 -12.28 -2.26
N VAL B 54 -1.34 -12.35 -3.58
CA VAL B 54 -2.00 -11.37 -4.47
C VAL B 54 -3.53 -11.58 -4.45
N HIS B 55 -3.97 -12.84 -4.45
CA HIS B 55 -5.40 -13.11 -4.29
C HIS B 55 -5.91 -12.48 -2.99
N GLY B 56 -5.15 -12.63 -1.91
CA GLY B 56 -5.48 -12.00 -0.64
C GLY B 56 -5.59 -10.48 -0.74
N LEU B 57 -4.64 -9.85 -1.43
CA LEU B 57 -4.68 -8.39 -1.62
C LEU B 57 -5.95 -7.98 -2.35
N ARG B 58 -6.29 -8.70 -3.41
CA ARG B 58 -7.48 -8.37 -4.21
C ARG B 58 -8.73 -8.61 -3.40
N TYR B 59 -8.77 -9.73 -2.68
CA TYR B 59 -9.92 -10.04 -1.83
C TYR B 59 -10.17 -8.96 -0.79
N LEU B 60 -9.11 -8.56 -0.09
CA LEU B 60 -9.24 -7.56 0.97
C LEU B 60 -9.57 -6.19 0.39
N LYS B 61 -9.07 -5.89 -0.80
CA LYS B 61 -9.36 -4.59 -1.40
C LYS B 61 -10.85 -4.48 -1.77
N GLU B 62 -11.38 -5.55 -2.36
CA GLU B 62 -12.80 -5.61 -2.73
C GLU B 62 -13.70 -5.49 -1.50
N ARG B 63 -13.26 -6.11 -0.43
CA ARG B 63 -13.97 -6.13 0.84
C ARG B 63 -13.82 -4.80 1.61
N ASN B 64 -12.83 -3.99 1.20
CA ASN B 64 -12.42 -2.81 1.95
C ASN B 64 -12.03 -3.14 3.39
N SER B 65 -11.32 -4.26 3.55
CA SER B 65 -10.88 -4.71 4.87
C SER B 65 -9.44 -4.28 5.16
N ARG B 66 -9.19 -3.85 6.40
CA ARG B 66 -7.85 -3.49 6.86
C ARG B 66 -7.03 -4.66 7.40
N LYS B 67 -7.55 -5.87 7.29
CA LYS B 67 -6.79 -7.05 7.75
C LYS B 67 -5.41 -7.11 7.12
N PRO B 68 -4.39 -7.42 7.94
CA PRO B 68 -3.11 -7.82 7.35
C PRO B 68 -3.19 -9.24 6.76
N ILE B 69 -2.25 -9.56 5.89
CA ILE B 69 -2.08 -10.91 5.38
C ILE B 69 -0.88 -11.56 6.05
N TYR B 70 -1.04 -12.79 6.51
CA TYR B 70 0.09 -13.59 6.96
C TYR B 70 0.42 -14.63 5.90
N SER B 71 1.71 -14.74 5.59
CA SER B 71 2.23 -15.76 4.69
C SER B 71 3.42 -16.42 5.34
N ASN B 72 3.63 -17.71 5.07
CA ASN B 72 4.82 -18.35 5.61
C ASN B 72 6.00 -18.31 4.65
N SER B 73 5.85 -17.57 3.54
CA SER B 73 6.86 -17.58 2.50
C SER B 73 7.58 -16.26 2.38
N GLN B 74 8.79 -16.17 2.93
CA GLN B 74 9.59 -14.97 2.79
C GLN B 74 9.87 -14.65 1.32
N THR B 75 10.01 -15.68 0.50
CA THR B 75 10.26 -15.47 -0.92
C THR B 75 9.06 -14.81 -1.61
N ALA B 76 7.86 -15.32 -1.38
CA ALA B 76 6.68 -14.72 -2.00
C ALA B 76 6.47 -13.30 -1.50
N ILE B 77 6.74 -13.05 -0.22
CA ILE B 77 6.60 -11.68 0.31
C ILE B 77 7.52 -10.73 -0.45
N LYS B 78 8.75 -11.17 -0.71
CA LYS B 78 9.70 -10.35 -1.47
C LYS B 78 9.24 -10.13 -2.89
N TRP B 79 8.73 -11.19 -3.52
CA TRP B 79 8.25 -11.09 -4.90
C TRP B 79 7.11 -10.09 -5.01
N VAL B 80 6.20 -10.11 -4.03
CA VAL B 80 5.11 -9.12 -4.04
C VAL B 80 5.67 -7.71 -3.90
N LYS B 81 6.59 -7.52 -2.95
CA LYS B 81 7.23 -6.20 -2.78
C LYS B 81 7.93 -5.73 -4.06
N ASP B 82 8.61 -6.65 -4.74
CA ASP B 82 9.32 -6.35 -6.00
C ASP B 82 8.40 -6.24 -7.21
N LYS B 83 7.15 -6.67 -7.06
CA LYS B 83 6.18 -6.77 -8.16
C LYS B 83 6.72 -7.67 -9.28
N LYS B 84 7.47 -8.69 -8.89
CA LYS B 84 8.13 -9.55 -9.85
C LYS B 84 8.34 -10.92 -9.23
N ALA B 85 7.68 -11.92 -9.81
CA ALA B 85 7.86 -13.29 -9.34
C ALA B 85 9.06 -13.90 -10.05
N LYS B 86 10.17 -14.00 -9.33
CA LYS B 86 11.45 -14.35 -9.94
C LYS B 86 11.55 -15.86 -10.00
N SER B 87 10.57 -16.50 -10.64
CA SER B 87 10.54 -17.95 -10.78
C SER B 87 11.40 -18.40 -11.94
N THR B 88 12.02 -19.58 -11.79
CA THR B 88 12.86 -20.19 -12.82
C THR B 88 12.12 -21.31 -13.54
N LEU B 89 10.83 -21.48 -13.25
CA LEU B 89 10.06 -22.57 -13.85
C LEU B 89 10.02 -22.39 -15.36
N VAL B 90 10.33 -23.45 -16.10
CA VAL B 90 10.32 -23.36 -17.55
C VAL B 90 8.95 -22.90 -18.06
N ARG B 91 8.94 -22.10 -19.11
CA ARG B 91 7.71 -21.72 -19.78
C ARG B 91 7.47 -22.65 -20.96
N ASN B 92 6.54 -23.58 -20.79
CA ASN B 92 6.08 -24.41 -21.89
C ASN B 92 4.57 -24.62 -21.83
N GLU B 93 4.08 -25.59 -22.60
CA GLU B 93 2.66 -25.86 -22.69
C GLU B 93 2.08 -26.29 -21.34
N GLU B 94 2.82 -27.10 -20.60
CA GLU B 94 2.30 -27.64 -19.35
C GLU B 94 2.35 -26.63 -18.20
N THR B 95 3.20 -25.63 -18.31
CA THR B 95 3.28 -24.59 -17.28
C THR B 95 2.57 -23.32 -17.73
N ALA B 96 1.87 -23.39 -18.84
CA ALA B 96 1.24 -22.18 -19.39
C ALA B 96 0.21 -21.56 -18.45
N LEU B 97 -0.57 -22.39 -17.77
CA LEU B 97 -1.61 -21.87 -16.86
C LEU B 97 -1.02 -21.14 -15.66
N ILE B 98 -0.07 -21.77 -14.97
CA ILE B 98 0.50 -21.13 -13.79
C ILE B 98 1.21 -19.83 -14.18
N TRP B 99 1.86 -19.82 -15.33
CA TRP B 99 2.56 -18.61 -15.76
C TRP B 99 1.58 -17.51 -16.15
N LYS B 100 0.45 -17.89 -16.73
CA LYS B 100 -0.59 -16.90 -17.07
C LYS B 100 -1.09 -16.24 -15.80
N LEU B 101 -1.38 -17.08 -14.80
CA LEU B 101 -1.84 -16.56 -13.51
C LEU B 101 -0.78 -15.67 -12.81
N VAL B 102 0.48 -16.08 -12.89
CA VAL B 102 1.55 -15.28 -12.29
C VAL B 102 1.72 -13.95 -13.01
N ASP B 103 1.72 -13.99 -14.34
CA ASP B 103 1.82 -12.77 -15.14
C ASP B 103 0.66 -11.81 -14.80
N GLU B 104 -0.53 -12.37 -14.60
CA GLU B 104 -1.70 -11.54 -14.32
C GLU B 104 -1.66 -10.97 -12.90
N ALA B 105 -1.09 -11.74 -11.98
CA ALA B 105 -0.91 -11.24 -10.62
C ALA B 105 0.09 -10.09 -10.57
N GLU B 106 1.17 -10.20 -11.36
CA GLU B 106 2.11 -9.09 -11.50
C GLU B 106 1.41 -7.87 -12.09
N GLU B 107 0.60 -8.10 -13.11
CA GLU B 107 -0.12 -6.96 -13.70
C GLU B 107 -1.05 -6.30 -12.69
N TRP B 108 -1.73 -7.09 -11.86
CA TRP B 108 -2.58 -6.53 -10.79
C TRP B 108 -1.75 -5.63 -9.87
N LEU B 109 -0.59 -6.12 -9.43
CA LEU B 109 0.29 -5.33 -8.56
C LEU B 109 0.74 -4.05 -9.25
N ASN B 110 0.98 -4.14 -10.56
CA ASN B 110 1.45 -2.98 -11.33
C ASN B 110 0.38 -1.90 -11.51
N THR B 111 -0.90 -2.25 -11.27
CA THR B 111 -2.00 -1.34 -11.59
C THR B 111 -2.93 -1.01 -10.41
N HIS B 112 -2.57 -1.43 -9.20
CA HIS B 112 -3.42 -1.18 -8.05
C HIS B 112 -2.61 -0.68 -6.88
N THR B 113 -3.27 0.13 -6.06
CA THR B 113 -2.70 0.52 -4.79
C THR B 113 -3.26 -0.39 -3.69
N TYR B 114 -2.51 -0.49 -2.60
CA TYR B 114 -2.96 -1.21 -1.42
C TYR B 114 -2.15 -0.79 -0.20
N GLU B 115 -2.75 -0.88 0.98
CA GLU B 115 -2.03 -0.56 2.22
C GLU B 115 -1.85 -1.79 3.10
N THR B 116 -2.44 -2.91 2.69
CA THR B 116 -2.43 -4.15 3.47
C THR B 116 -1.02 -4.54 3.91
N PRO B 117 -0.81 -4.68 5.23
CA PRO B 117 0.46 -5.21 5.74
C PRO B 117 0.60 -6.67 5.32
N ILE B 118 1.76 -7.05 4.82
CA ILE B 118 2.01 -8.43 4.42
C ILE B 118 3.09 -8.95 5.35
N LEU B 119 2.70 -9.85 6.23
CA LEU B 119 3.51 -10.22 7.38
C LEU B 119 3.97 -11.66 7.31
N LYS B 120 5.17 -11.91 7.85
CA LYS B 120 5.71 -13.28 7.92
C LYS B 120 5.11 -14.01 9.12
N TRP B 121 4.48 -15.15 8.85
CA TRP B 121 3.95 -15.99 9.92
C TRP B 121 5.14 -16.65 10.61
N GLN B 122 5.10 -16.73 11.94
CA GLN B 122 6.22 -17.30 12.69
C GLN B 122 5.80 -18.64 13.28
N THR B 123 6.02 -19.72 12.55
CA THR B 123 5.57 -21.05 12.96
C THR B 123 6.18 -21.48 14.30
N ASP B 124 7.43 -21.09 14.55
CA ASP B 124 8.10 -21.52 15.76
C ASP B 124 7.57 -20.83 17.02
N LYS B 125 6.74 -19.80 16.83
CA LYS B 125 6.14 -19.09 17.96
C LYS B 125 4.63 -19.32 18.04
N TRP B 126 3.99 -19.43 16.89
CA TRP B 126 2.52 -19.37 16.83
C TRP B 126 1.87 -20.65 16.33
N GLY B 127 2.69 -21.67 16.05
CA GLY B 127 2.15 -22.92 15.54
C GLY B 127 1.84 -22.82 14.06
N GLU B 128 1.00 -23.73 13.58
CA GLU B 128 0.73 -23.85 12.15
C GLU B 128 0.04 -22.60 11.61
N ILE B 129 0.40 -22.21 10.40
CA ILE B 129 -0.38 -21.14 9.76
C ILE B 129 -1.80 -21.70 9.62
N LYS B 130 -2.79 -20.86 9.91
CA LYS B 130 -4.17 -21.33 9.99
C LYS B 130 -4.66 -21.98 8.70
N ALA B 131 -4.04 -21.63 7.58
CA ALA B 131 -4.44 -22.14 6.27
C ALA B 131 -3.74 -23.44 5.86
N ASP B 132 -2.79 -23.90 6.67
CA ASP B 132 -1.94 -25.04 6.31
C ASP B 132 -2.68 -26.32 5.94
N TYR B 133 -2.35 -26.86 4.76
CA TYR B 133 -2.97 -28.07 4.24
C TYR B 133 -2.53 -29.34 4.98
N GLY B 134 -1.34 -29.30 5.57
CA GLY B 134 -0.83 -30.45 6.32
C GLY B 134 0.35 -31.12 5.65
P UCL C 9 2.92 -4.01 32.57
O1P UCL C 9 2.39 -5.35 32.09
O2P UCL C 9 2.66 -3.58 34.00
O5' UCL C 9 4.51 -4.00 32.33
C5' UCL C 9 5.17 -3.01 31.53
C4' UCL C 9 6.44 -2.57 32.26
O4' UCL C 9 6.51 -1.15 32.28
C3' UCL C 9 6.33 -3.05 33.71
O3' UCL C 9 7.51 -3.67 34.24
C2' UCL C 9 6.14 -1.78 34.51
C1' UCL C 9 6.66 -0.67 33.61
N1 UCL C 9 5.91 0.57 33.87
C2 UCL C 9 6.50 1.81 33.54
O2 UCL C 9 7.64 1.82 33.01
N3 UCL C 9 5.86 2.97 33.78
C4 UCL C 9 4.66 2.98 34.34
O4 UCL C 9 4.08 4.07 34.56
C5 UCL C 9 4.03 1.70 34.71
C6 UCL C 9 4.70 0.52 34.47
CL UCL C 9 2.45 1.71 35.45
P UCL D 9 -3.76 -4.01 24.28
O1P UCL D 9 -4.78 -4.04 25.38
O2P UCL D 9 -3.51 -5.24 23.44
O5' UCL D 9 -4.19 -2.80 23.31
C5' UCL D 9 -4.58 -1.55 23.89
C4' UCL D 9 -4.84 -0.54 22.79
O4' UCL D 9 -3.62 -0.06 22.24
C3' UCL D 9 -5.63 -1.18 21.66
O3' UCL D 9 -6.71 -0.28 21.38
C2' UCL D 9 -4.70 -1.14 20.47
C1' UCL D 9 -3.76 -0.01 20.82
N1 UCL D 9 -2.47 -0.13 20.14
C2 UCL D 9 -1.85 1.07 19.72
O2 UCL D 9 -2.44 2.15 19.96
N3 UCL D 9 -0.67 1.08 19.10
C4 UCL D 9 -0.06 -0.07 18.83
O4 UCL D 9 1.05 -0.09 18.24
C5 UCL D 9 -0.69 -1.36 19.26
C6 UCL D 9 -1.91 -1.32 19.91
CL UCL D 9 0.11 -2.86 18.93
P UCL F 9 30.33 -24.56 -0.55
O1P UCL F 9 31.39 -24.34 0.52
O2P UCL F 9 30.21 -25.89 -1.25
O5' UCL F 9 28.92 -24.19 0.14
C5' UCL F 9 28.85 -22.95 0.85
C4' UCL F 9 27.41 -22.59 1.13
O4' UCL F 9 26.69 -22.28 -0.08
C3' UCL F 9 26.64 -23.70 1.82
O3' UCL F 9 26.62 -23.39 3.22
C2' UCL F 9 25.25 -23.66 1.20
C1' UCL F 9 25.30 -22.54 0.16
N1 UCL F 9 24.61 -22.86 -1.10
C2 UCL F 9 23.46 -22.10 -1.46
O2 UCL F 9 23.05 -21.22 -0.67
N3 UCL F 9 22.79 -22.33 -2.60
C4 UCL F 9 23.21 -23.28 -3.45
O4 UCL F 9 22.59 -23.49 -4.51
C5 UCL F 9 24.42 -24.07 -3.10
C6 UCL F 9 25.09 -23.80 -1.92
CL UCL F 9 24.99 -25.31 -4.19
C1 GOL G . 3.31 -4.16 3.01
O1 GOL G . 2.17 -3.39 3.33
C2 GOL G . 4.49 -3.77 3.92
O2 GOL G . 5.63 -4.50 3.54
C3 GOL G . 4.15 -4.08 5.38
O3 GOL G . 4.04 -5.48 5.53
C1 GOL H . 1.69 29.09 8.95
O1 GOL H . 0.62 29.70 9.65
C2 GOL H . 2.95 29.88 9.29
O2 GOL H . 3.27 30.80 8.27
C3 GOL H . 4.11 28.91 9.53
O3 GOL H . 5.24 29.65 9.91
MG MG I . -4.04 8.50 2.35
C1 GOL J . -5.48 7.12 13.01
O1 GOL J . -5.33 7.31 14.40
C2 GOL J . -4.10 7.08 12.37
O2 GOL J . -3.54 8.38 12.46
C3 GOL J . -4.20 6.68 10.91
O3 GOL J . -2.90 6.43 10.40
C1 GOL K . 18.93 -26.72 -4.38
O1 GOL K . 18.08 -27.22 -5.38
C2 GOL K . 19.48 -27.86 -3.56
O2 GOL K . 20.03 -28.80 -4.47
C3 GOL K . 20.61 -27.30 -2.72
O3 GOL K . 21.42 -26.51 -3.56
MG MG L . 16.97 -27.43 -8.88
#